data_3HZS
#
_entry.id   3HZS
#
_cell.length_a   114.422
_cell.length_b   114.422
_cell.length_c   128.844
_cell.angle_alpha   90.00
_cell.angle_beta   90.00
_cell.angle_gamma   120.00
#
_symmetry.space_group_name_H-M   'H 3 2'
#
loop_
_entity.id
_entity.type
_entity.pdbx_description
1 polymer 'Monofunctional glycosyltransferase'
2 non-polymer MOENOMYCIN
3 non-polymer 'PHOSPHATE ION'
4 water water
#
_entity_poly.entity_id   1
_entity_poly.type   'polypeptide(L)'
_entity_poly.pdbx_seq_one_letter_code
;NLYFQGHMDNVDELRKIENKSSFVSADNMPEYVKGAFISMQDERFYNHHGFDLKGTTRALFSTISDRDVQGGSTITQQVV
KNYFYDNDRSFTRKVKELFVAHRVEKQYNKNEILSFYLNNIYFGDNQYTLEGAANHYFGTTVNKNSTTMSHITVLQSAIL
ASKVNAPSVYNINNMSENFTQRVSTNLEKMKQQNYINETQYQQAMSQLN
;
_entity_poly.pdbx_strand_id   A
#
loop_
_chem_comp.id
_chem_comp.type
_chem_comp.name
_chem_comp.formula
M0E non-polymer MOENOMYCIN 'C69 H106 N5 O34 P'
PO4 non-polymer 'PHOSPHATE ION' 'O4 P -3'
#
# COMPACT_ATOMS: atom_id res chain seq x y z
N ASN A 1 0.32 17.64 4.62
CA ASN A 1 -0.78 16.99 3.79
C ASN A 1 -2.19 17.33 4.28
N LEU A 2 -2.31 18.32 5.15
CA LEU A 2 -3.61 18.59 5.80
C LEU A 2 -4.75 18.88 4.81
N TYR A 3 -4.40 19.46 3.68
CA TYR A 3 -5.43 19.84 2.71
C TYR A 3 -6.21 18.62 2.18
N PHE A 4 -5.55 17.48 2.13
CA PHE A 4 -6.07 16.24 1.57
C PHE A 4 -6.47 15.35 2.75
N GLN A 5 -6.84 15.99 3.86
CA GLN A 5 -7.45 15.26 4.98
C GLN A 5 -8.76 15.97 5.36
N GLY A 6 -9.61 15.36 6.20
CA GLY A 6 -10.91 16.00 6.51
C GLY A 6 -11.72 15.14 7.47
N HIS A 7 -13.04 15.34 7.50
CA HIS A 7 -13.93 14.68 8.46
C HIS A 7 -14.83 13.76 7.73
N MET A 8 -14.73 13.77 6.39
CA MET A 8 -15.57 12.89 5.62
C MET A 8 -17.05 13.15 5.88
N ASP A 9 -17.47 14.37 5.72
CA ASP A 9 -18.93 14.64 5.59
C ASP A 9 -19.48 13.90 4.38
N ASN A 10 -18.68 13.69 3.33
CA ASN A 10 -19.19 12.97 2.18
C ASN A 10 -17.99 12.22 1.64
N VAL A 11 -18.17 10.97 1.15
CA VAL A 11 -16.99 10.27 0.59
C VAL A 11 -16.38 10.91 -0.62
N ASP A 12 -17.00 11.97 -1.15
CA ASP A 12 -16.46 12.54 -2.39
C ASP A 12 -15.31 13.45 -2.04
N GLU A 13 -15.06 13.61 -0.75
CA GLU A 13 -13.84 14.36 -0.36
C GLU A 13 -12.54 13.72 -0.82
N LEU A 14 -12.54 12.41 -1.03
CA LEU A 14 -11.33 11.70 -1.47
C LEU A 14 -10.95 12.11 -2.90
N ARG A 15 -11.93 12.61 -3.67
CA ARG A 15 -11.66 12.94 -5.11
C ARG A 15 -10.66 14.07 -5.18
N LYS A 16 -10.51 14.81 -4.12
CA LYS A 16 -9.58 15.92 -4.19
C LYS A 16 -8.11 15.47 -4.25
N ILE A 17 -7.83 14.24 -3.79
CA ILE A 17 -6.50 13.59 -4.00
C ILE A 17 -6.05 13.59 -5.48
N GLU A 18 -7.04 13.51 -6.39
CA GLU A 18 -6.79 13.51 -7.82
C GLU A 18 -6.11 14.77 -8.36
N ASN A 19 -6.24 15.88 -7.65
CA ASN A 19 -5.53 17.12 -8.05
C ASN A 19 -4.09 17.31 -7.55
N LYS A 20 -3.56 16.35 -6.79
CA LYS A 20 -2.14 16.42 -6.41
C LYS A 20 -1.28 16.47 -7.66
N SER A 21 -0.22 17.25 -7.64
CA SER A 21 0.65 17.32 -8.82
C SER A 21 1.30 15.99 -9.22
N SER A 22 1.57 15.12 -8.24
CA SER A 22 2.29 13.91 -8.58
C SER A 22 1.31 12.79 -8.54
N PHE A 23 0.02 13.12 -8.52
CA PHE A 23 -1.01 12.08 -8.60
C PHE A 23 -0.71 11.12 -9.78
N VAL A 24 -0.77 9.81 -9.57
CA VAL A 24 -0.73 8.81 -10.61
C VAL A 24 -1.82 7.82 -10.30
N SER A 25 -2.70 7.66 -11.27
CA SER A 25 -3.80 6.71 -11.14
C SER A 25 -3.34 5.25 -11.05
N ALA A 26 -4.04 4.41 -10.28
CA ALA A 26 -3.70 3.00 -10.23
C ALA A 26 -3.69 2.37 -11.65
N ASP A 27 -4.71 2.70 -12.43
CA ASP A 27 -4.81 2.32 -13.85
C ASP A 27 -3.51 2.55 -14.62
N ASN A 28 -2.76 3.57 -14.24
CA ASN A 28 -1.56 3.93 -14.94
C ASN A 28 -0.33 3.36 -14.34
N MET A 29 -0.49 2.38 -13.46
CA MET A 29 0.71 1.80 -12.83
C MET A 29 0.97 0.37 -13.32
N PRO A 30 2.24 -0.06 -13.34
CA PRO A 30 2.44 -1.50 -13.66
C PRO A 30 1.82 -2.35 -12.57
N GLU A 31 1.29 -3.51 -12.94
CA GLU A 31 0.73 -4.48 -12.01
C GLU A 31 1.68 -4.84 -10.90
N TYR A 32 2.95 -4.99 -11.19
CA TYR A 32 3.82 -5.45 -10.12
C TYR A 32 4.00 -4.38 -9.03
N VAL A 33 3.81 -3.11 -9.44
CA VAL A 33 3.83 -2.00 -8.51
C VAL A 33 2.62 -2.10 -7.61
N LYS A 34 1.45 -2.16 -8.20
CA LYS A 34 0.29 -2.33 -7.38
C LYS A 34 0.39 -3.60 -6.50
N GLY A 35 0.81 -4.73 -7.10
CA GLY A 35 0.83 -6.01 -6.33
C GLY A 35 1.82 -5.90 -5.18
N ALA A 36 2.85 -5.09 -5.29
CA ALA A 36 3.77 -4.93 -4.14
C ALA A 36 2.97 -4.53 -2.87
N PHE A 37 2.09 -3.54 -3.03
CA PHE A 37 1.22 -3.04 -1.97
C PHE A 37 0.10 -3.98 -1.63
N ILE A 38 -0.61 -4.45 -2.64
CA ILE A 38 -1.68 -5.42 -2.39
C ILE A 38 -1.18 -6.70 -1.63
N SER A 39 -0.10 -7.29 -2.14
CA SER A 39 0.47 -8.53 -1.56
C SER A 39 0.87 -8.31 -0.09
N MET A 40 1.39 -7.13 0.22
CA MET A 40 1.94 -6.88 1.53
C MET A 40 0.87 -6.39 2.54
N GLN A 41 -0.25 -5.84 2.05
CA GLN A 41 -1.21 -5.11 2.91
C GLN A 41 -2.55 -5.78 2.91
N ASP A 42 -2.91 -6.48 1.83
CA ASP A 42 -4.32 -6.91 1.73
C ASP A 42 -4.52 -7.71 0.44
N GLU A 43 -4.08 -8.97 0.48
CA GLU A 43 -3.99 -9.77 -0.72
C GLU A 43 -5.26 -9.94 -1.46
N ARG A 44 -6.37 -10.10 -0.76
CA ARG A 44 -7.65 -10.27 -1.43
C ARG A 44 -8.39 -8.95 -1.64
N PHE A 45 -7.62 -7.86 -1.66
CA PHE A 45 -8.16 -6.52 -1.90
C PHE A 45 -9.27 -6.51 -2.96
N TYR A 46 -8.98 -7.06 -4.15
CA TYR A 46 -9.95 -6.98 -5.26
C TYR A 46 -11.22 -7.76 -5.03
N ASN A 47 -11.11 -8.79 -4.19
CA ASN A 47 -12.21 -9.69 -3.95
C ASN A 47 -13.15 -9.31 -2.84
N HIS A 48 -12.68 -8.65 -1.80
CA HIS A 48 -13.57 -8.49 -0.66
C HIS A 48 -14.31 -7.16 -0.73
N HIS A 49 -15.10 -6.86 0.27
CA HIS A 49 -15.83 -5.61 0.27
C HIS A 49 -15.33 -4.69 1.39
N GLY A 50 -14.05 -4.81 1.74
CA GLY A 50 -13.49 -3.83 2.61
C GLY A 50 -13.07 -4.34 3.95
N PHE A 51 -13.46 -5.60 4.25
CA PHE A 51 -13.31 -6.21 5.57
C PHE A 51 -12.59 -7.54 5.53
N ASP A 52 -12.86 -8.36 4.50
CA ASP A 52 -12.09 -9.59 4.32
C ASP A 52 -12.34 -10.59 5.48
N LEU A 53 -13.57 -10.58 5.99
CA LEU A 53 -14.02 -11.45 7.04
C LEU A 53 -13.77 -12.92 6.73
N LYS A 54 -14.21 -13.37 5.54
CA LYS A 54 -14.02 -14.80 5.12
C LYS A 54 -12.59 -15.22 5.12
N GLY A 55 -11.73 -14.50 4.41
CA GLY A 55 -10.35 -14.92 4.24
C GLY A 55 -9.55 -14.83 5.54
N THR A 56 -9.89 -13.84 6.34
CA THR A 56 -9.26 -13.64 7.64
C THR A 56 -9.59 -14.85 8.54
N THR A 57 -10.83 -15.27 8.49
CA THR A 57 -11.29 -16.38 9.29
C THR A 57 -10.62 -17.69 8.88
N ARG A 58 -10.53 -17.95 7.59
CA ARG A 58 -9.80 -19.14 7.11
C ARG A 58 -8.35 -19.08 7.59
N ALA A 59 -7.67 -17.96 7.38
CA ALA A 59 -6.21 -17.89 7.65
C ALA A 59 -5.96 -18.23 9.13
N LEU A 60 -6.99 -17.89 9.92
CA LEU A 60 -6.98 -18.14 11.35
C LEU A 60 -7.28 -19.61 11.67
N PHE A 61 -8.44 -20.09 11.26
CA PHE A 61 -8.91 -21.38 11.68
C PHE A 61 -8.60 -22.55 10.78
N SER A 62 -8.22 -22.34 9.52
CA SER A 62 -8.02 -23.49 8.64
C SER A 62 -6.68 -24.25 8.79
N THR A 63 -5.60 -23.53 9.07
CA THR A 63 -4.28 -24.13 9.17
C THR A 63 -3.74 -23.71 10.51
N ILE A 64 -2.80 -24.47 11.06
CA ILE A 64 -2.17 -24.09 12.34
C ILE A 64 -1.15 -23.02 12.04
N SER A 65 -0.68 -23.08 10.81
CA SER A 65 0.33 -22.16 10.31
C SER A 65 -0.13 -20.68 10.35
N ASP A 66 0.82 -19.73 10.44
CA ASP A 66 0.43 -18.36 10.30
C ASP A 66 0.61 -17.85 8.90
N ARG A 67 0.73 -18.75 7.95
CA ARG A 67 1.18 -18.42 6.59
C ARG A 67 0.21 -17.48 5.93
N ASP A 68 -1.07 -17.58 6.25
CA ASP A 68 -2.04 -16.76 5.52
C ASP A 68 -2.56 -15.57 6.30
N VAL A 69 -2.08 -15.41 7.53
CA VAL A 69 -2.50 -14.32 8.36
C VAL A 69 -1.89 -13.02 7.84
N GLN A 70 -2.70 -11.97 7.78
CA GLN A 70 -2.22 -10.66 7.36
C GLN A 70 -2.31 -9.63 8.46
N GLY A 71 -2.02 -8.37 8.13
CA GLY A 71 -2.07 -7.28 9.08
C GLY A 71 -3.47 -6.89 9.41
N GLY A 72 -3.63 -5.99 10.38
CA GLY A 72 -4.98 -5.75 10.82
C GLY A 72 -5.83 -4.77 10.01
N SER A 73 -5.39 -4.33 8.81
CA SER A 73 -6.12 -3.25 8.11
C SER A 73 -6.15 -3.47 6.62
N THR A 74 -7.33 -3.52 6.05
CA THR A 74 -7.41 -3.66 4.60
C THR A 74 -7.01 -2.33 4.01
N ILE A 75 -6.71 -2.33 2.72
CA ILE A 75 -6.30 -1.05 2.08
C ILE A 75 -7.40 -0.01 2.20
N THR A 76 -8.66 -0.41 2.08
CA THR A 76 -9.79 0.54 2.23
C THR A 76 -9.87 1.22 3.66
N GLN A 77 -9.63 0.42 4.70
CA GLN A 77 -9.49 0.93 6.03
C GLN A 77 -8.34 1.86 6.18
N GLN A 78 -7.21 1.52 5.57
CA GLN A 78 -6.06 2.44 5.55
C GLN A 78 -6.33 3.78 4.86
N VAL A 79 -7.08 3.77 3.76
CA VAL A 79 -7.45 5.01 3.08
C VAL A 79 -8.28 5.90 4.04
N VAL A 80 -9.24 5.33 4.77
CA VAL A 80 -10.05 6.12 5.72
C VAL A 80 -9.16 6.69 6.81
N LYS A 81 -8.35 5.83 7.43
CA LYS A 81 -7.56 6.29 8.52
C LYS A 81 -6.64 7.44 8.07
N ASN A 82 -6.08 7.33 6.88
CA ASN A 82 -5.18 8.40 6.39
C ASN A 82 -5.83 9.70 5.87
N TYR A 83 -7.10 9.58 5.48
CA TYR A 83 -7.91 10.76 5.09
C TYR A 83 -8.35 11.57 6.37
N PHE A 84 -8.80 10.86 7.38
CA PHE A 84 -8.98 11.47 8.70
C PHE A 84 -7.72 12.12 9.21
N TYR A 85 -7.86 13.27 9.88
CA TYR A 85 -6.72 14.00 10.44
C TYR A 85 -5.99 13.04 11.38
N ASP A 86 -4.68 13.27 11.50
CA ASP A 86 -3.82 12.50 12.33
C ASP A 86 -4.44 12.54 13.73
N ASN A 87 -4.45 11.40 14.41
CA ASN A 87 -5.09 11.34 15.72
C ASN A 87 -4.57 10.16 16.51
N ASP A 88 -4.92 10.08 17.80
CA ASP A 88 -4.32 8.99 18.62
C ASP A 88 -5.03 7.72 18.17
N ARG A 89 -4.33 6.58 18.17
CA ARG A 89 -4.96 5.31 17.76
C ARG A 89 -5.77 4.68 18.84
N SER A 90 -7.02 4.36 18.57
CA SER A 90 -7.86 3.73 19.60
C SER A 90 -8.88 2.81 18.98
N PHE A 91 -9.51 1.97 19.80
CA PHE A 91 -10.63 1.13 19.37
C PHE A 91 -11.78 1.95 18.80
N THR A 92 -12.16 3.02 19.47
CA THR A 92 -13.29 3.88 19.00
C THR A 92 -12.99 4.52 17.62
N ARG A 93 -11.78 5.01 17.36
CA ARG A 93 -11.44 5.51 16.01
C ARG A 93 -11.35 4.39 14.95
N LYS A 94 -10.72 3.26 15.27
CA LYS A 94 -10.74 2.08 14.38
C LYS A 94 -12.15 1.68 13.93
N VAL A 95 -13.09 1.62 14.85
CA VAL A 95 -14.46 1.28 14.54
C VAL A 95 -15.13 2.29 13.62
N LYS A 96 -14.90 3.57 13.85
CA LYS A 96 -15.43 4.58 12.93
C LYS A 96 -14.82 4.36 11.52
N GLU A 97 -13.52 4.10 11.46
CA GLU A 97 -12.84 3.83 10.17
C GLU A 97 -13.45 2.64 9.41
N LEU A 98 -13.86 1.62 10.16
CA LEU A 98 -14.53 0.43 9.56
C LEU A 98 -15.88 0.78 8.95
N PHE A 99 -16.67 1.56 9.69
N PHE A 99 -16.70 1.55 9.66
CA PHE A 99 -18.00 2.08 9.28
CA PHE A 99 -17.99 1.96 9.11
C PHE A 99 -17.91 2.88 7.98
C PHE A 99 -17.80 2.77 7.83
N VAL A 100 -16.92 3.77 7.91
CA VAL A 100 -16.71 4.63 6.76
C VAL A 100 -16.12 3.85 5.59
N ALA A 101 -15.23 2.90 5.87
CA ALA A 101 -14.73 1.99 4.84
C ALA A 101 -15.87 1.34 4.04
N HIS A 102 -16.95 0.99 4.71
CA HIS A 102 -18.05 0.34 4.05
C HIS A 102 -18.68 1.37 3.04
N ARG A 103 -18.70 2.66 3.41
CA ARG A 103 -19.27 3.73 2.59
C ARG A 103 -18.35 3.99 1.41
N VAL A 104 -17.05 3.95 1.66
CA VAL A 104 -16.06 4.05 0.55
C VAL A 104 -16.16 2.93 -0.52
N GLU A 105 -16.33 1.69 -0.08
CA GLU A 105 -16.51 0.51 -0.93
C GLU A 105 -17.84 0.59 -1.68
N LYS A 106 -18.87 1.07 -1.03
CA LYS A 106 -20.14 1.27 -1.70
C LYS A 106 -20.05 2.25 -2.89
N GLN A 107 -19.27 3.31 -2.75
CA GLN A 107 -19.21 4.35 -3.77
C GLN A 107 -18.17 4.13 -4.88
N TYR A 108 -17.05 3.53 -4.54
CA TYR A 108 -15.93 3.59 -5.42
C TYR A 108 -15.56 2.21 -5.83
N ASN A 109 -14.91 2.08 -6.99
CA ASN A 109 -14.42 0.77 -7.45
C ASN A 109 -13.03 0.58 -6.90
N LYS A 110 -12.46 -0.59 -7.08
CA LYS A 110 -11.24 -0.94 -6.46
C LYS A 110 -10.08 -0.10 -6.95
N ASN A 111 -10.08 0.28 -8.24
CA ASN A 111 -9.00 1.09 -8.76
C ASN A 111 -8.96 2.51 -8.23
N GLU A 112 -10.12 3.11 -8.02
CA GLU A 112 -10.27 4.44 -7.39
C GLU A 112 -9.76 4.38 -5.97
N ILE A 113 -10.23 3.38 -5.22
CA ILE A 113 -9.72 3.15 -3.81
C ILE A 113 -8.23 2.99 -3.80
N LEU A 114 -7.73 2.09 -4.62
CA LEU A 114 -6.29 1.91 -4.67
C LEU A 114 -5.59 3.19 -5.05
N SER A 115 -6.19 4.01 -5.93
CA SER A 115 -5.55 5.32 -6.29
C SER A 115 -5.54 6.28 -5.11
N PHE A 116 -6.64 6.34 -4.36
CA PHE A 116 -6.66 7.15 -3.14
C PHE A 116 -5.64 6.65 -2.17
N TYR A 117 -5.51 5.31 -2.05
CA TYR A 117 -4.46 4.77 -1.18
C TYR A 117 -3.06 5.25 -1.52
N LEU A 118 -2.59 4.90 -2.70
CA LEU A 118 -1.17 5.17 -3.09
C LEU A 118 -0.80 6.64 -3.24
N ASN A 119 -1.82 7.48 -3.37
CA ASN A 119 -1.57 8.90 -3.48
C ASN A 119 -1.93 9.71 -2.24
N ASN A 120 -2.17 9.07 -1.09
CA ASN A 120 -2.36 9.85 0.15
C ASN A 120 -2.00 9.04 1.43
N ILE A 121 -0.83 8.41 1.44
CA ILE A 121 -0.35 7.75 2.63
C ILE A 121 1.12 8.25 2.75
N TYR A 122 1.74 8.10 3.92
CA TYR A 122 3.05 8.77 4.13
C TYR A 122 4.15 7.77 3.82
N PHE A 123 5.12 8.21 3.05
CA PHE A 123 6.20 7.31 2.61
C PHE A 123 7.50 7.75 3.27
N GLY A 124 7.52 8.85 4.04
CA GLY A 124 8.79 9.37 4.59
C GLY A 124 9.24 10.63 3.89
N ASP A 125 10.11 11.42 4.52
CA ASP A 125 10.65 12.60 3.89
C ASP A 125 9.58 13.43 3.19
N ASN A 126 8.44 13.65 3.83
CA ASN A 126 7.49 14.60 3.30
C ASN A 126 6.80 14.16 2.02
N GLN A 127 6.78 12.85 1.74
CA GLN A 127 6.18 12.33 0.51
C GLN A 127 4.90 11.63 0.88
N TYR A 128 3.80 12.14 0.34
CA TYR A 128 2.50 11.55 0.55
C TYR A 128 1.95 10.97 -0.72
N THR A 129 2.79 10.74 -1.75
CA THR A 129 2.24 9.99 -2.91
C THR A 129 3.31 9.04 -3.30
N LEU A 130 2.91 7.97 -3.96
CA LEU A 130 3.81 6.91 -4.39
C LEU A 130 4.79 7.44 -5.43
N GLU A 131 4.30 8.19 -6.43
CA GLU A 131 5.24 8.91 -7.40
C GLU A 131 6.24 9.92 -6.76
N GLY A 132 5.78 10.77 -5.85
CA GLY A 132 6.73 11.61 -5.13
C GLY A 132 7.84 10.80 -4.43
N ALA A 133 7.46 9.71 -3.78
CA ALA A 133 8.43 8.83 -3.09
C ALA A 133 9.44 8.13 -4.05
N ALA A 134 8.91 7.47 -5.07
CA ALA A 134 9.74 6.81 -6.09
C ALA A 134 10.71 7.83 -6.68
N ASN A 135 10.20 9.02 -7.04
CA ASN A 135 11.07 10.09 -7.62
C ASN A 135 12.13 10.51 -6.63
N HIS A 136 11.68 10.82 -5.42
CA HIS A 136 12.56 11.26 -4.33
C HIS A 136 13.58 10.22 -3.88
N TYR A 137 13.16 8.96 -3.69
CA TYR A 137 14.06 7.95 -3.14
C TYR A 137 15.00 7.32 -4.20
N PHE A 138 14.45 7.11 -5.40
CA PHE A 138 15.09 6.33 -6.44
C PHE A 138 15.29 7.08 -7.75
N GLY A 139 14.61 8.22 -7.88
CA GLY A 139 14.45 8.92 -9.16
C GLY A 139 13.83 8.06 -10.23
N THR A 140 12.89 7.20 -9.83
CA THR A 140 12.12 6.38 -10.77
C THR A 140 10.67 6.77 -10.75
N THR A 141 9.90 6.18 -11.65
CA THR A 141 8.50 6.60 -11.84
C THR A 141 7.64 5.39 -11.84
N VAL A 142 6.39 5.55 -11.37
CA VAL A 142 5.42 4.44 -11.34
C VAL A 142 4.39 4.64 -12.46
N ASN A 143 4.57 5.67 -13.28
CA ASN A 143 3.76 5.72 -14.49
C ASN A 143 4.29 4.76 -15.54
N LYS A 144 3.49 3.73 -15.84
CA LYS A 144 3.93 2.66 -16.75
C LYS A 144 4.12 3.15 -18.20
N ASN A 145 3.62 4.36 -18.52
CA ASN A 145 3.75 4.93 -19.86
C ASN A 145 4.97 5.80 -20.06
N SER A 146 5.71 6.13 -19.00
CA SER A 146 6.74 7.10 -19.19
C SER A 146 7.77 6.56 -20.21
N THR A 147 8.20 7.42 -21.13
CA THR A 147 9.31 7.04 -22.02
C THR A 147 10.52 7.90 -21.60
N THR A 148 10.23 8.79 -20.66
CA THR A 148 11.15 9.82 -20.18
C THR A 148 12.01 9.37 -18.97
N MET A 149 11.41 8.58 -18.08
CA MET A 149 12.00 8.28 -16.78
C MET A 149 12.21 6.81 -16.51
N SER A 150 13.28 6.47 -15.82
CA SER A 150 13.48 5.09 -15.40
C SER A 150 12.26 4.62 -14.58
N HIS A 151 11.78 3.40 -14.87
CA HIS A 151 10.66 2.76 -14.25
C HIS A 151 11.01 2.08 -12.92
N ILE A 152 10.13 2.23 -11.92
CA ILE A 152 10.40 1.70 -10.59
C ILE A 152 10.63 0.21 -10.74
N THR A 153 11.68 -0.30 -10.10
CA THR A 153 11.95 -1.73 -10.13
C THR A 153 11.05 -2.50 -9.17
N VAL A 154 11.11 -3.83 -9.27
CA VAL A 154 10.39 -4.75 -8.39
C VAL A 154 10.80 -4.52 -6.93
N LEU A 155 12.12 -4.44 -6.67
CA LEU A 155 12.66 -4.23 -5.35
C LEU A 155 12.21 -2.93 -4.72
N GLN A 156 12.34 -1.87 -5.49
CA GLN A 156 11.97 -0.52 -5.06
C GLN A 156 10.47 -0.43 -4.72
N SER A 157 9.62 -1.11 -5.50
CA SER A 157 8.21 -1.24 -5.19
C SER A 157 7.92 -1.94 -3.85
N ALA A 158 8.60 -3.06 -3.57
CA ALA A 158 8.53 -3.78 -2.32
C ALA A 158 9.06 -2.93 -1.20
N ILE A 159 10.14 -2.19 -1.44
CA ILE A 159 10.70 -1.33 -0.41
C ILE A 159 9.69 -0.24 0.03
N LEU A 160 8.98 0.34 -0.94
CA LEU A 160 8.03 1.39 -0.60
C LEU A 160 6.77 0.82 0.03
N ALA A 161 6.34 -0.34 -0.41
CA ALA A 161 5.14 -1.04 0.16
C ALA A 161 5.33 -1.49 1.62
N SER A 162 6.59 -1.76 1.99
CA SER A 162 6.93 -2.14 3.33
C SER A 162 7.20 -0.90 4.10
N LYS A 163 7.71 0.09 3.41
CA LYS A 163 8.05 1.27 4.12
C LYS A 163 6.86 1.99 4.80
N VAL A 164 5.66 1.89 4.22
CA VAL A 164 4.60 2.74 4.70
C VAL A 164 4.07 2.20 6.03
N ASN A 165 4.58 1.05 6.46
CA ASN A 165 4.19 0.53 7.81
C ASN A 165 4.90 1.34 8.91
N ALA A 166 6.04 1.95 8.61
CA ALA A 166 6.78 2.74 9.60
C ALA A 166 7.69 3.69 8.89
N PRO A 167 7.08 4.65 8.17
CA PRO A 167 7.76 5.47 7.19
C PRO A 167 8.81 6.36 7.83
N SER A 168 8.70 6.63 9.12
CA SER A 168 9.63 7.58 9.72
C SER A 168 10.80 6.80 10.29
N VAL A 169 10.64 5.49 10.33
CA VAL A 169 11.64 4.70 11.02
C VAL A 169 12.43 3.89 9.99
N TYR A 170 11.72 3.27 9.06
CA TYR A 170 12.37 2.41 8.12
C TYR A 170 13.14 3.35 7.19
N ASN A 171 14.43 3.09 7.06
CA ASN A 171 15.28 4.00 6.34
C ASN A 171 15.87 3.32 5.12
N ILE A 172 15.57 3.86 3.95
CA ILE A 172 15.94 3.23 2.69
C ILE A 172 17.45 3.13 2.43
N ASN A 173 18.16 4.17 2.84
CA ASN A 173 19.61 4.25 2.76
C ASN A 173 20.39 3.36 3.71
N ASN A 174 19.92 3.27 4.95
CA ASN A 174 20.60 2.42 5.90
C ASN A 174 19.55 1.45 6.47
N MET A 175 19.29 0.36 5.75
CA MET A 175 18.17 -0.56 6.08
C MET A 175 18.45 -1.49 7.24
N SER A 176 17.56 -1.49 8.24
CA SER A 176 17.73 -2.33 9.44
C SER A 176 17.45 -3.72 9.03
N GLU A 177 17.86 -4.65 9.87
CA GLU A 177 17.63 -6.03 9.58
C GLU A 177 16.10 -6.24 9.52
N ASN A 178 15.33 -5.54 10.35
CA ASN A 178 13.88 -5.77 10.37
C ASN A 178 13.20 -5.27 9.11
N PHE A 179 13.53 -4.06 8.74
CA PHE A 179 13.07 -3.46 7.43
C PHE A 179 13.47 -4.43 6.29
N THR A 180 14.74 -4.82 6.25
CA THR A 180 15.12 -5.92 5.37
C THR A 180 14.38 -7.21 5.32
N GLN A 181 14.03 -7.74 6.50
N GLN A 181 14.04 -7.84 6.45
CA GLN A 181 13.08 -8.85 6.60
CA GLN A 181 13.18 -9.07 6.35
C GLN A 181 11.71 -8.51 6.04
C GLN A 181 11.74 -8.79 5.89
N ARG A 182 11.17 -7.35 6.39
N ARG A 182 11.22 -7.61 6.20
CA ARG A 182 9.83 -6.98 5.87
CA ARG A 182 9.84 -7.27 5.78
C ARG A 182 9.84 -7.08 4.32
C ARG A 182 9.82 -7.12 4.24
N VAL A 183 10.79 -6.38 3.69
CA VAL A 183 10.94 -6.30 2.21
C VAL A 183 11.10 -7.70 1.57
N SER A 184 11.92 -8.54 2.20
N SER A 184 11.92 -8.55 2.21
CA SER A 184 12.13 -9.91 1.75
CA SER A 184 12.14 -9.93 1.76
C SER A 184 10.81 -10.66 1.70
C SER A 184 10.83 -10.69 1.72
N THR A 185 10.03 -10.52 2.78
CA THR A 185 8.71 -11.15 2.86
C THR A 185 7.77 -10.61 1.79
N ASN A 186 7.77 -9.30 1.64
CA ASN A 186 7.00 -8.64 0.55
C ASN A 186 7.32 -9.29 -0.80
N LEU A 187 8.61 -9.37 -1.17
CA LEU A 187 9.02 -10.01 -2.46
C LEU A 187 8.50 -11.43 -2.54
N GLU A 188 8.64 -12.19 -1.46
CA GLU A 188 8.20 -13.56 -1.57
C GLU A 188 6.73 -13.59 -1.84
N LYS A 189 5.97 -12.70 -1.19
CA LYS A 189 4.52 -12.69 -1.38
C LYS A 189 4.14 -12.19 -2.77
N MET A 190 4.85 -11.19 -3.29
CA MET A 190 4.71 -10.80 -4.71
C MET A 190 4.91 -12.02 -5.62
N LYS A 191 5.94 -12.83 -5.35
CA LYS A 191 6.10 -14.10 -6.13
C LYS A 191 4.92 -15.07 -5.93
N GLN A 192 4.62 -15.42 -4.70
CA GLN A 192 3.52 -16.35 -4.46
C GLN A 192 2.21 -15.90 -5.07
N GLN A 193 2.02 -14.59 -5.24
CA GLN A 193 0.71 -14.13 -5.71
C GLN A 193 0.79 -13.81 -7.19
N ASN A 194 1.94 -14.13 -7.76
CA ASN A 194 2.06 -14.13 -9.19
C ASN A 194 2.07 -12.71 -9.75
N TYR A 195 2.71 -11.77 -9.04
CA TYR A 195 2.92 -10.44 -9.57
C TYR A 195 4.26 -10.42 -10.23
N ILE A 196 5.18 -11.22 -9.72
CA ILE A 196 6.48 -11.35 -10.29
C ILE A 196 6.76 -12.87 -10.48
N ASN A 197 7.87 -13.17 -11.16
CA ASN A 197 8.31 -14.53 -11.36
C ASN A 197 9.64 -14.72 -10.71
N GLU A 198 10.17 -15.94 -10.85
CA GLU A 198 11.38 -16.34 -10.17
C GLU A 198 12.56 -15.46 -10.55
N THR A 199 12.58 -15.08 -11.82
CA THR A 199 13.69 -14.31 -12.33
C THR A 199 13.74 -12.96 -11.60
N GLN A 200 12.63 -12.23 -11.76
CA GLN A 200 12.40 -10.98 -11.03
C GLN A 200 12.64 -11.11 -9.52
N TYR A 201 11.96 -12.07 -8.92
CA TYR A 201 12.23 -12.42 -7.51
C TYR A 201 13.72 -12.54 -7.20
N GLN A 202 14.43 -13.41 -7.95
CA GLN A 202 15.87 -13.55 -7.66
C GLN A 202 16.60 -12.27 -7.98
N GLN A 203 16.30 -11.61 -9.10
CA GLN A 203 17.02 -10.34 -9.33
C GLN A 203 16.81 -9.37 -8.18
N ALA A 204 15.58 -9.28 -7.68
CA ALA A 204 15.31 -8.35 -6.57
C ALA A 204 15.99 -8.81 -5.28
N MET A 205 15.91 -10.11 -4.95
CA MET A 205 16.64 -10.62 -3.77
C MET A 205 18.14 -10.36 -3.89
N SER A 206 18.72 -10.55 -5.08
CA SER A 206 20.14 -10.19 -5.29
C SER A 206 20.40 -8.72 -5.00
N GLN A 207 19.61 -7.84 -5.61
CA GLN A 207 19.82 -6.42 -5.42
C GLN A 207 19.73 -6.07 -3.95
N LEU A 208 18.75 -6.66 -3.25
CA LEU A 208 18.57 -6.36 -1.82
C LEU A 208 19.79 -6.82 -1.03
N ASN A 209 20.24 -8.05 -1.29
CA ASN A 209 21.47 -8.55 -0.63
C ASN A 209 22.75 -7.72 -0.91
ODF M0E B . -5.06 1.44 15.72
CDG M0E B . -4.16 0.38 15.35
CDH M0E B . -4.68 -0.29 14.07
ODI M0E B . -4.35 -1.46 13.80
ODJ M0E B . -5.45 0.37 13.33
CDK M0E B . -2.76 0.95 15.08
OBF M0E B . -2.93 1.93 14.07
PBI M0E B . -1.63 2.53 13.39
OBB M0E B . -0.53 2.77 14.44
OAZ M0E B . -2.02 3.80 12.63
OBG M0E B . -1.19 1.36 12.39
CAX M0E B . 0.16 0.99 12.25
OBE M0E B . 0.30 -0.28 12.88
CAQ M0E B . -0.56 -1.28 12.29
CAW M0E B . -0.56 -2.57 13.10
OBD M0E B . -1.26 -3.52 12.78
NAU M0E B . 0.24 -2.67 14.14
CAO M0E B . -0.23 -1.54 10.81
OBA M0E B . -1.19 -2.44 10.24
CAS M0E B . 1.18 -2.13 10.63
CAP M0E B . -0.32 -0.24 10.03
OBH M0E B . 0.24 -0.41 8.71
CAV M0E B . -0.56 0.10 7.69
OBC M0E B . -1.71 0.43 7.91
NAT M0E B . 0.01 0.19 6.54
CAR M0E B . 0.44 0.86 10.74
O1 M0E B . 0.07 2.07 10.10
C1 M0E B . 1.19 2.93 9.98
C2 M0E B . 0.85 4.15 9.13
C3 M0E B . 2.03 5.11 9.19
O3 M0E B . 1.84 6.31 8.45
N2 M0E B . 0.74 3.72 7.76
CAG M0E B . -0.41 3.78 7.08
CAH M0E B . -0.39 3.35 5.62
OAN M0E B . -1.47 4.15 7.59
O5 M0E B . 1.47 3.30 11.31
C5 M0E B . 2.55 4.18 11.41
C6 M0E B . 2.70 4.55 12.85
O6 M0E B . 3.24 3.47 13.58
CBJ M0E B . 2.70 3.62 14.90
OBS M0E B . 2.48 5.00 15.23
CBN M0E B . 3.68 5.62 15.59
CBO M0E B . 3.41 7.14 15.61
OBT M0E B . 4.42 7.96 15.01
CBM M0E B . 4.07 5.04 16.95
OBR M0E B . 5.10 5.80 17.58
CBL M0E B . 4.37 3.53 16.80
OBQ M0E B . 4.48 2.98 18.11
CBK M0E B . 3.18 2.84 16.12
OBP M0E B . 3.35 1.48 15.75
C4 M0E B . 2.33 5.48 10.63
O4 M0E B . 3.58 6.18 10.67
CBU M0E B . 3.59 7.56 11.01
CBV M0E B . 5.03 7.96 11.36
CBW M0E B . 4.95 9.41 11.81
OCD M0E B . 6.25 9.93 12.12
NCC M0E B . 5.49 7.11 12.45
CCA M0E B . 6.38 6.14 12.29
CCB M0E B . 6.74 5.29 13.48
OCG M0E B . 6.92 5.90 11.22
OCF M0E B . 3.14 8.33 9.90
CBY M0E B . 2.98 9.70 10.27
CBZ M0E B . 2.26 10.45 9.14
CBX M0E B . 4.38 10.23 10.65
OCE M0E B . 4.28 11.56 11.15
CCH M0E B . 4.70 12.59 10.28
OCP M0E B . 6.11 12.51 10.32
CCI M0E B . 4.26 13.92 10.92
OCN M0E B . 2.85 14.12 10.77
CCJ M0E B . 4.95 15.07 10.21
OCO M0E B . 4.65 16.29 10.88
CCK M0E B . 6.46 14.87 10.13
OCR M0E B . 7.04 14.97 11.44
CCL M0E B . 6.74 13.50 9.51
CCM M0E B . 8.28 13.28 9.44
OCQ M0E B . 8.99 14.24 9.02
NCS M0E B . 8.81 12.05 9.77
CCT M0E B . 10.15 11.81 9.54
CCU M0E B . 10.58 11.23 8.31
OCV M0E B . 9.85 11.12 7.32
CCW M0E B . 12.00 10.76 8.52
CCX M0E B . 12.28 10.95 9.92
CCY M0E B . 11.07 11.60 10.46
OCZ M0E B . 10.86 11.95 11.73
C31 M0E B . -6.20 1.05 16.49
C32 M0E B . -5.85 0.63 17.93
C33 M0E B . -6.37 -0.56 18.37
C34 M0E B . -6.13 -1.04 19.70
C35 M0E B . -7.23 -1.38 17.50
C36 M0E B . -7.88 -2.69 17.85
C7 M0E B . -9.22 -2.87 17.13
C8 M0E B . -9.35 -3.97 16.28
C9 M0E B . -10.76 -4.42 15.85
C10 M0E B . -11.66 -3.19 15.87
C11 M0E B . -10.70 -4.95 14.41
C12 M0E B . -11.29 -5.48 16.82
C13 M0E B . -12.81 -5.72 16.78
C14 M0E B . -13.36 -6.42 18.04
C15 M0E B . -12.80 -6.60 19.48
C16 M0E B . -14.61 -6.81 17.90
P PO4 C . -16.09 -8.57 3.28
O1 PO4 C . -14.96 -7.77 2.72
O2 PO4 C . -15.50 -9.49 4.32
O3 PO4 C . -17.20 -7.74 3.90
O4 PO4 C . -16.73 -9.36 2.13
#